data_6FW2
#
_entry.id   6FW2
#
_cell.length_a   61.133
_cell.length_b   74.818
_cell.length_c   110.726
_cell.angle_alpha   90.000
_cell.angle_beta   90.000
_cell.angle_gamma   90.000
#
_symmetry.space_group_name_H-M   'P 21 21 21'
#
loop_
_entity.id
_entity.type
_entity.pdbx_description
1 polymer 'Mitochondrial amidoxime-reducing component 1,Endolysin,Mitochondrial amidoxime-reducing component 1'
2 non-polymer 'PHOSPHONIC ACIDMONO-(2-AMINO-5,6-DIMERCAPTO-4-OXO-3,7,8A,9,10,10A-HEXAHYDRO-4H-8-OXA-1,3,9,10-TETRAAZA-ANTHRACEN-7-YLMETHYL)ESTER'
3 non-polymer oxidanyl(oxidanylidene)molybdenum
4 non-polymer 2-[3-(2-HYDROXY-1,1-DIHYDROXYMETHYL-ETHYLAMINO)-PROPYLAMINO]-2-HYDROXYMETHYL-PROPANE-1,3-DIOL
5 non-polymer 'MOLYBDATE ION'
6 non-polymer 'PHOSPHATE ION'
7 water water
#
_entity_poly.entity_id   1
_entity_poly.type   'polypeptide(L)'
_entity_poly.pdbx_seq_one_letter_code
;MRGSMQQVGTVAQLWIYPVKSCKGVPVSEAECTAMGLRSGNLRDRFWLVINQEGNMVTARQEPRLVLISLTCDGDTLTLS
AMNIFEMLRIDEGLRLKIYKDTEGYYTIGIGHLLTKSPSLNAAKSELDKAIGRNCNGVITKDEAEKLFNQDVDAAVRGIL
RNAKLKPVYDSLDAVRRCALINMVFQMGETGVAGFTNSLRMLQQKRWDEAAVNLAKSRWYNQTPNRAKRVITTFRTGTWD
AYTKDLLLPIKTPTTNAVHKCRVHGLEIEGRDCGEAAAQWITSFLKSQPYRLVHFEPHMRPRRPHQIADLFRPKDQIAYS
DTSPFLILSEASLADLNSRLEKKVKATNFRPNIVISGCDVYAEDSWDELLIGDVELKRVMACSRCILTTVDPDTGVMSRK
EPLETLKSYRQCDPSERKLYGKSPLFGQYFVLENPGTIKVGDPVYLLGQGTVDHHHHHH
;
_entity_poly.pdbx_strand_id   A
#
loop_
_chem_comp.id
_chem_comp.type
_chem_comp.name
_chem_comp.formula
B3P non-polymer 2-[3-(2-HYDROXY-1,1-DIHYDROXYMETHYL-ETHYLAMINO)-PROPYLAMINO]-2-HYDROXYMETHYL-PROPANE-1,3-DIOL 'C11 H26 N2 O6'
EFK non-polymer oxidanyl(oxidanylidene)molybdenum 'H Mo O2'
MOO non-polymer 'MOLYBDATE ION' 'Mo O4 -2'
MTE non-polymer 'PHOSPHONIC ACIDMONO-(2-AMINO-5,6-DIMERCAPTO-4-OXO-3,7,8A,9,10,10A-HEXAHYDRO-4H-8-OXA-1,3,9,10-TETRAAZA-ANTHRACEN-7-YLMETHYL)ESTER' 'C10 H14 N5 O6 P S2'
PO4 non-polymer 'PHOSPHATE ION' 'O4 P -3'
#
# COMPACT_ATOMS: atom_id res chain seq x y z
N MET A 5 -26.83 -19.19 -13.29
CA MET A 5 -27.09 -19.68 -14.65
C MET A 5 -26.49 -18.79 -15.73
N GLN A 6 -26.49 -17.54 -15.49
CA GLN A 6 -25.94 -16.73 -16.50
C GLN A 6 -24.65 -16.06 -16.00
N GLN A 7 -23.62 -16.00 -16.81
CA GLN A 7 -22.36 -15.42 -16.38
C GLN A 7 -22.45 -13.92 -16.44
N VAL A 8 -22.06 -13.23 -15.37
CA VAL A 8 -22.04 -11.79 -15.36
C VAL A 8 -20.66 -11.18 -15.27
N GLY A 9 -19.63 -12.02 -15.20
CA GLY A 9 -18.28 -11.54 -15.14
C GLY A 9 -17.27 -12.60 -14.88
N THR A 10 -16.01 -12.20 -14.65
CA THR A 10 -14.97 -13.22 -14.42
C THR A 10 -14.14 -12.63 -13.17
N VAL A 11 -13.67 -13.52 -12.33
CA VAL A 11 -12.75 -13.01 -11.25
C VAL A 11 -11.47 -12.52 -11.91
N ALA A 12 -11.16 -11.22 -11.67
CA ALA A 12 -9.89 -10.61 -12.17
C ALA A 12 -8.77 -10.49 -11.16
N GLN A 13 -9.12 -10.24 -9.86
CA GLN A 13 -8.06 -10.14 -8.81
C GLN A 13 -8.71 -10.65 -7.50
N LEU A 14 -7.85 -11.25 -6.72
CA LEU A 14 -8.22 -11.61 -5.33
C LEU A 14 -7.15 -10.98 -4.45
N TRP A 15 -7.58 -10.38 -3.32
CA TRP A 15 -6.60 -9.72 -2.47
C TRP A 15 -6.95 -10.09 -1.03
N ILE A 16 -5.91 -10.41 -0.28
CA ILE A 16 -6.01 -10.68 1.16
C ILE A 16 -5.22 -9.56 1.82
N TYR A 17 -5.75 -8.94 2.86
CA TYR A 17 -5.03 -7.91 3.57
C TYR A 17 -4.78 -8.47 5.01
N PRO A 18 -3.70 -9.22 5.21
CA PRO A 18 -3.55 -10.04 6.42
C PRO A 18 -3.54 -9.10 7.65
N VAL A 19 -2.80 -7.96 7.60
CA VAL A 19 -2.86 -7.02 8.75
C VAL A 19 -3.81 -5.89 8.38
N LYS A 20 -4.73 -5.56 9.26
CA LYS A 20 -5.65 -4.45 9.11
C LYS A 20 -4.86 -3.15 8.73
N SER A 21 -5.38 -2.49 7.68
CA SER A 21 -4.82 -1.25 7.13
C SER A 21 -3.43 -1.37 6.44
N CYS A 22 -2.81 -2.55 6.29
CA CYS A 22 -1.52 -2.67 5.68
C CYS A 22 -1.68 -3.16 4.22
N LYS A 23 -0.57 -3.40 3.57
CA LYS A 23 -0.55 -3.66 2.11
C LYS A 23 -1.27 -4.96 1.76
N GLY A 24 -2.04 -4.94 0.67
CA GLY A 24 -2.69 -6.18 0.24
C GLY A 24 -1.74 -7.19 -0.36
N VAL A 25 -2.09 -8.48 -0.29
CA VAL A 25 -1.35 -9.54 -0.87
C VAL A 25 -2.21 -10.07 -2.03
N PRO A 26 -1.71 -9.90 -3.27
CA PRO A 26 -2.48 -10.44 -4.43
C PRO A 26 -2.33 -11.97 -4.48
N VAL A 27 -3.40 -12.73 -4.79
CA VAL A 27 -3.27 -14.18 -4.90
C VAL A 27 -4.06 -14.64 -6.15
N SER A 28 -3.66 -15.81 -6.67
CA SER A 28 -4.36 -16.36 -7.84
C SER A 28 -5.50 -17.29 -7.42
N GLU A 29 -5.49 -17.81 -6.18
CA GLU A 29 -6.61 -18.65 -5.74
C GLU A 29 -6.71 -18.35 -4.24
N ALA A 30 -7.90 -18.60 -3.71
CA ALA A 30 -8.12 -18.42 -2.25
C ALA A 30 -9.33 -19.23 -1.77
N GLU A 31 -9.26 -19.75 -0.53
CA GLU A 31 -10.47 -20.36 0.00
C GLU A 31 -11.34 -19.24 0.55
N CYS A 32 -12.65 -19.39 0.38
CA CYS A 32 -13.64 -18.46 0.92
C CYS A 32 -14.17 -19.13 2.16
N THR A 33 -13.95 -18.45 3.28
CA THR A 33 -14.34 -18.97 4.60
C THR A 33 -15.44 -18.03 5.04
N ALA A 34 -16.15 -18.42 6.12
CA ALA A 34 -17.27 -17.55 6.56
C ALA A 34 -16.73 -16.20 7.03
N MET A 35 -15.48 -16.17 7.44
CA MET A 35 -14.90 -14.86 7.88
C MET A 35 -14.16 -14.09 6.82
N GLY A 36 -14.03 -14.67 5.59
CA GLY A 36 -13.32 -13.92 4.55
C GLY A 36 -12.37 -14.83 3.79
N LEU A 37 -11.52 -14.25 2.93
CA LEU A 37 -10.59 -15.06 2.17
C LEU A 37 -9.44 -15.61 3.01
N ARG A 38 -8.88 -16.77 2.60
CA ARG A 38 -7.77 -17.38 3.30
C ARG A 38 -6.87 -17.95 2.21
N SER A 39 -5.58 -17.77 2.34
CA SER A 39 -4.64 -18.45 1.47
C SER A 39 -3.60 -19.04 2.41
N GLY A 40 -3.69 -20.32 2.66
CA GLY A 40 -2.84 -20.96 3.62
C GLY A 40 -2.96 -20.31 4.97
N ASN A 41 -1.86 -19.84 5.50
CA ASN A 41 -1.83 -19.22 6.80
C ASN A 41 -2.26 -17.74 6.82
N LEU A 42 -2.44 -17.15 5.66
CA LEU A 42 -2.83 -15.76 5.57
C LEU A 42 -4.30 -15.65 5.50
N ARG A 43 -4.89 -14.95 6.45
CA ARG A 43 -6.32 -14.80 6.39
C ARG A 43 -6.62 -13.30 6.50
N ASP A 44 -7.78 -12.90 5.91
CA ASP A 44 -7.98 -11.45 5.65
C ASP A 44 -8.27 -10.74 7.06
N ARG A 45 -7.50 -9.71 7.29
CA ARG A 45 -7.55 -8.98 8.56
C ARG A 45 -7.60 -9.91 9.79
N PHE A 46 -6.71 -10.87 9.78
CA PHE A 46 -6.43 -11.67 11.00
C PHE A 46 -5.32 -11.10 11.86
N TRP A 47 -4.64 -10.02 11.40
CA TRP A 47 -3.61 -9.38 12.22
C TRP A 47 -3.99 -7.90 12.42
N LEU A 48 -3.57 -7.32 13.55
CA LEU A 48 -4.00 -5.97 13.88
C LEU A 48 -2.84 -5.29 14.62
N VAL A 49 -2.60 -4.01 14.33
CA VAL A 49 -1.66 -3.24 15.09
C VAL A 49 -2.52 -2.56 16.21
N ILE A 50 -2.03 -2.58 17.47
CA ILE A 50 -2.73 -1.92 18.54
C ILE A 50 -1.80 -0.97 19.33
N ASN A 51 -2.42 0.00 20.01
CA ASN A 51 -1.59 0.91 20.79
C ASN A 51 -1.56 0.38 22.24
N GLN A 52 -0.93 1.17 23.12
CA GLN A 52 -0.76 0.70 24.52
C GLN A 52 -2.08 0.52 25.26
N GLU A 53 -3.13 1.23 24.83
CA GLU A 53 -4.46 1.08 25.47
C GLU A 53 -5.23 -0.07 24.84
N GLY A 54 -4.62 -0.83 23.93
CA GLY A 54 -5.32 -1.90 23.23
C GLY A 54 -6.19 -1.43 22.09
N ASN A 55 -6.15 -0.15 21.69
N ASN A 55 -6.24 -0.12 21.71
CA ASN A 55 -7.02 0.26 20.61
CA ASN A 55 -7.11 0.28 20.61
C ASN A 55 -6.42 0.05 19.23
C ASN A 55 -6.45 -0.08 19.29
N MET A 56 -7.28 -0.30 18.27
CA MET A 56 -6.82 -0.48 16.90
C MET A 56 -6.01 0.74 16.43
N VAL A 57 -5.04 0.48 15.54
CA VAL A 57 -4.28 1.57 14.85
C VAL A 57 -4.57 1.30 13.37
N THR A 58 -5.22 2.23 12.68
CA THR A 58 -5.60 2.03 11.34
C THR A 58 -4.88 3.12 10.49
N ALA A 59 -5.03 2.95 9.20
CA ALA A 59 -4.44 3.96 8.25
C ALA A 59 -5.04 5.36 8.47
N ARG A 60 -6.21 5.45 9.10
CA ARG A 60 -6.69 6.78 9.55
C ARG A 60 -5.73 7.43 10.52
N GLN A 61 -5.12 6.68 11.44
CA GLN A 61 -4.19 7.22 12.40
C GLN A 61 -2.77 7.24 11.80
N GLU A 62 -2.45 6.21 11.06
CA GLU A 62 -1.05 5.98 10.58
C GLU A 62 -1.11 5.59 9.17
N PRO A 63 -1.22 6.56 8.24
CA PRO A 63 -1.33 6.17 6.83
C PRO A 63 -0.17 5.39 6.30
N ARG A 64 0.98 5.48 6.94
CA ARG A 64 2.16 4.66 6.51
C ARG A 64 1.99 3.15 6.75
N LEU A 65 0.93 2.76 7.44
CA LEU A 65 0.68 1.28 7.61
C LEU A 65 0.48 0.69 6.21
N VAL A 66 0.02 1.47 5.21
N VAL A 66 -0.04 1.45 5.26
CA VAL A 66 -0.21 0.83 3.91
CA VAL A 66 -0.24 0.93 3.93
C VAL A 66 1.10 0.41 3.25
C VAL A 66 1.07 0.45 3.25
N LEU A 67 2.22 0.91 3.75
CA LEU A 67 3.51 0.57 3.16
C LEU A 67 4.01 -0.82 3.65
N ILE A 68 3.46 -1.20 4.77
CA ILE A 68 3.95 -2.48 5.44
C ILE A 68 3.27 -3.66 4.75
N SER A 69 4.06 -4.63 4.34
CA SER A 69 3.51 -5.89 3.86
C SER A 69 3.88 -7.08 4.80
N LEU A 70 2.92 -7.98 4.97
CA LEU A 70 3.13 -9.27 5.73
C LEU A 70 2.88 -10.30 4.64
N THR A 71 3.88 -11.03 4.26
CA THR A 71 3.70 -12.09 3.32
C THR A 71 4.17 -13.41 3.89
N CYS A 72 3.82 -14.48 3.23
CA CYS A 72 4.16 -15.79 3.71
C CYS A 72 4.81 -16.64 2.65
N ASP A 73 5.86 -17.30 3.05
CA ASP A 73 6.63 -18.15 2.19
C ASP A 73 6.79 -19.46 2.95
N GLY A 74 5.92 -20.40 2.68
CA GLY A 74 6.03 -21.66 3.34
C GLY A 74 5.93 -21.51 4.82
N ASP A 75 7.06 -21.66 5.43
CA ASP A 75 7.35 -21.58 6.84
C ASP A 75 7.19 -20.24 7.56
N THR A 76 7.69 -19.20 6.92
CA THR A 76 8.05 -18.00 7.58
C THR A 76 7.19 -16.85 7.07
N LEU A 77 6.80 -15.94 7.95
CA LEU A 77 6.23 -14.67 7.58
C LEU A 77 7.33 -13.66 7.45
N THR A 78 7.17 -12.74 6.52
CA THR A 78 8.11 -11.65 6.36
C THR A 78 7.34 -10.35 6.53
N LEU A 79 7.82 -9.43 7.37
CA LEU A 79 7.28 -8.09 7.40
C LEU A 79 8.29 -7.22 6.62
N SER A 80 7.81 -6.37 5.71
CA SER A 80 8.77 -5.58 4.91
C SER A 80 8.06 -4.21 4.72
N ALA A 81 8.84 -3.15 4.62
CA ALA A 81 8.15 -1.86 4.45
C ALA A 81 8.82 -1.00 3.36
N MET A 82 9.91 -1.43 2.72
CA MET A 82 10.72 -0.56 1.90
C MET A 82 10.17 -0.57 0.49
N ASN A 83 10.37 0.56 -0.21
CA ASN A 83 10.14 0.69 -1.67
C ASN A 83 10.99 1.92 -2.09
N ILE A 84 10.88 2.34 -3.36
CA ILE A 84 11.78 3.45 -3.78
C ILE A 84 11.51 4.74 -2.99
N PHE A 85 10.27 5.07 -2.67
CA PHE A 85 10.03 6.28 -1.96
C PHE A 85 10.61 6.27 -0.59
N GLU A 86 10.51 5.14 0.11
CA GLU A 86 11.04 5.14 1.44
C GLU A 86 12.59 5.15 1.41
N MET A 87 13.15 4.47 0.43
CA MET A 87 14.60 4.43 0.30
C MET A 87 15.14 5.86 0.08
N LEU A 88 14.50 6.57 -0.85
CA LEU A 88 14.98 7.94 -1.08
C LEU A 88 14.71 8.91 0.08
N ARG A 89 13.63 8.74 0.85
CA ARG A 89 13.39 9.53 2.04
C ARG A 89 14.55 9.41 3.00
N ILE A 90 15.00 8.17 3.21
CA ILE A 90 16.11 7.93 4.06
C ILE A 90 17.37 8.62 3.53
N ASP A 91 17.61 8.48 2.22
CA ASP A 91 18.85 9.02 1.64
C ASP A 91 18.82 10.53 1.41
N GLU A 92 17.64 11.13 1.21
CA GLU A 92 17.60 12.52 0.77
C GLU A 92 17.22 13.44 1.91
N GLY A 93 16.56 12.89 2.90
CA GLY A 93 16.13 13.67 4.05
C GLY A 93 14.95 14.61 3.71
N LEU A 94 14.67 15.57 4.58
CA LEU A 94 13.47 16.41 4.38
C LEU A 94 13.82 17.77 4.92
N ARG A 95 13.75 18.83 4.10
CA ARG A 95 13.93 20.23 4.58
C ARG A 95 12.78 21.09 4.05
N LEU A 96 12.14 21.88 4.93
CA LEU A 96 10.90 22.57 4.57
C LEU A 96 11.20 24.05 4.12
N LYS A 97 12.46 24.46 4.22
CA LYS A 97 12.92 25.79 3.78
C LYS A 97 14.01 25.67 2.81
N ILE A 98 14.16 26.67 1.93
CA ILE A 98 15.17 26.56 0.89
C ILE A 98 16.56 26.41 1.57
N TYR A 99 17.34 25.46 1.11
CA TYR A 99 18.70 25.33 1.63
C TYR A 99 19.61 25.13 0.47
N LYS A 100 20.94 25.23 0.68
CA LYS A 100 21.84 24.88 -0.40
C LYS A 100 22.27 23.44 -0.28
N ASP A 101 22.33 22.73 -1.39
CA ASP A 101 22.79 21.31 -1.36
C ASP A 101 24.32 21.30 -1.24
N THR A 102 24.96 20.15 -1.45
CA THR A 102 26.37 20.09 -1.06
C THR A 102 27.20 20.70 -2.15
N GLU A 103 26.60 20.91 -3.32
CA GLU A 103 27.23 21.67 -4.42
C GLU A 103 26.84 23.16 -4.46
N GLY A 104 26.15 23.62 -3.44
CA GLY A 104 25.86 25.05 -3.29
C GLY A 104 24.62 25.52 -4.01
N TYR A 105 23.84 24.57 -4.57
CA TYR A 105 22.59 24.90 -5.34
C TYR A 105 21.34 24.92 -4.51
N TYR A 106 20.48 25.91 -4.74
CA TYR A 106 19.26 26.00 -3.98
C TYR A 106 18.34 24.79 -4.23
N THR A 107 17.80 24.29 -3.11
CA THR A 107 17.05 23.00 -3.06
C THR A 107 16.00 23.12 -1.99
N ILE A 108 15.01 22.22 -1.98
CA ILE A 108 14.05 22.26 -0.90
C ILE A 108 13.42 20.86 -0.85
N GLY A 109 12.75 20.56 0.26
CA GLY A 109 11.92 19.36 0.30
C GLY A 109 12.81 18.10 0.39
N ILE A 110 12.47 17.11 -0.45
CA ILE A 110 13.20 15.86 -0.46
C ILE A 110 14.19 15.91 -1.60
N GLY A 111 15.28 16.66 -1.42
CA GLY A 111 16.27 16.66 -2.50
C GLY A 111 15.79 17.34 -3.80
N HIS A 112 14.83 18.26 -3.69
CA HIS A 112 14.31 18.86 -4.96
C HIS A 112 15.17 20.09 -5.34
N LEU A 113 15.96 19.93 -6.36
CA LEU A 113 16.80 21.08 -6.86
C LEU A 113 15.87 22.16 -7.47
N LEU A 114 16.00 23.39 -7.00
CA LEU A 114 15.19 24.48 -7.54
C LEU A 114 15.90 25.17 -8.76
N THR A 115 17.18 25.41 -8.64
CA THR A 115 17.91 26.14 -9.70
C THR A 115 19.39 25.98 -9.40
N LYS A 116 20.22 26.02 -10.45
CA LYS A 116 21.65 26.19 -10.29
C LYS A 116 22.18 27.61 -10.21
N SER A 117 21.37 28.59 -10.44
CA SER A 117 21.66 30.00 -10.28
C SER A 117 21.95 30.43 -8.87
N PRO A 118 22.88 31.38 -8.79
CA PRO A 118 23.20 31.85 -7.49
C PRO A 118 22.22 32.78 -6.90
N SER A 119 21.21 33.17 -7.69
CA SER A 119 20.11 34.07 -7.29
C SER A 119 19.05 33.42 -6.47
N LEU A 120 18.99 33.81 -5.20
CA LEU A 120 17.89 33.38 -4.39
C LEU A 120 16.48 33.74 -5.01
N ASN A 121 16.43 34.85 -5.76
CA ASN A 121 15.20 35.24 -6.46
C ASN A 121 14.80 34.16 -7.45
N ALA A 122 15.78 33.62 -8.18
CA ALA A 122 15.45 32.62 -9.16
C ALA A 122 14.94 31.33 -8.40
N ALA A 123 15.55 30.99 -7.27
CA ALA A 123 15.12 29.83 -6.51
C ALA A 123 13.68 30.01 -6.02
N LYS A 124 13.36 31.19 -5.48
CA LYS A 124 12.00 31.45 -5.02
C LYS A 124 10.94 31.49 -6.09
N SER A 125 11.34 31.99 -7.23
CA SER A 125 10.46 32.01 -8.37
C SER A 125 10.20 30.58 -8.84
N GLU A 126 11.25 29.77 -8.93
CA GLU A 126 11.05 28.37 -9.28
C GLU A 126 10.14 27.67 -8.21
N LEU A 127 10.36 27.97 -6.92
CA LEU A 127 9.55 27.31 -5.83
C LEU A 127 8.06 27.69 -5.97
N ASP A 128 7.78 28.98 -6.17
CA ASP A 128 6.38 29.46 -6.31
C ASP A 128 5.74 28.90 -7.55
N LYS A 129 6.52 28.71 -8.61
CA LYS A 129 5.98 28.14 -9.81
C LYS A 129 5.63 26.63 -9.60
N ALA A 130 6.52 25.91 -8.93
CA ALA A 130 6.37 24.52 -8.72
C ALA A 130 5.27 24.18 -7.78
N ILE A 131 4.99 25.03 -6.78
CA ILE A 131 4.01 24.72 -5.71
C ILE A 131 2.70 25.36 -6.09
N GLY A 132 2.76 26.38 -6.93
CA GLY A 132 1.54 27.17 -7.32
C GLY A 132 0.97 28.19 -6.33
N ARG A 133 1.80 28.70 -5.41
CA ARG A 133 1.40 29.71 -4.40
C ARG A 133 2.66 30.47 -4.01
N ASN A 134 2.49 31.59 -3.32
CA ASN A 134 3.58 32.41 -2.81
C ASN A 134 4.08 31.72 -1.59
N CYS A 135 5.18 30.97 -1.69
CA CYS A 135 5.70 30.23 -0.55
C CYS A 135 6.58 31.01 0.42
N ASN A 136 7.19 32.13 -0.05
CA ASN A 136 8.25 32.87 0.73
C ASN A 136 9.34 31.95 1.23
N GLY A 137 9.75 31.03 0.34
CA GLY A 137 10.86 30.10 0.58
C GLY A 137 10.53 28.94 1.56
N VAL A 138 9.26 28.68 1.85
CA VAL A 138 8.90 27.66 2.87
C VAL A 138 7.74 26.79 2.40
N ILE A 139 7.87 25.46 2.52
CA ILE A 139 6.79 24.57 2.12
C ILE A 139 6.36 23.67 3.30
N THR A 140 5.23 23.01 3.09
CA THR A 140 4.70 22.04 4.09
C THR A 140 5.24 20.65 3.72
N LYS A 141 5.21 19.72 4.65
CA LYS A 141 5.70 18.38 4.35
C LYS A 141 4.83 17.75 3.24
N ASP A 142 3.53 18.07 3.20
CA ASP A 142 2.70 17.50 2.18
C ASP A 142 3.13 18.00 0.82
N GLU A 143 3.50 19.29 0.75
CA GLU A 143 3.97 19.80 -0.55
C GLU A 143 5.33 19.21 -0.91
N ALA A 144 6.16 18.99 0.08
CA ALA A 144 7.46 18.33 -0.25
C ALA A 144 7.22 16.90 -0.84
N GLU A 145 6.22 16.20 -0.29
CA GLU A 145 5.90 14.84 -0.75
C GLU A 145 5.31 14.88 -2.16
N LYS A 146 4.53 15.94 -2.47
CA LYS A 146 4.00 16.06 -3.84
C LYS A 146 5.13 16.24 -4.83
N LEU A 147 6.08 17.16 -4.56
CA LEU A 147 7.18 17.36 -5.45
C LEU A 147 7.98 16.04 -5.56
N PHE A 148 8.14 15.35 -4.40
CA PHE A 148 8.94 14.13 -4.39
C PHE A 148 8.36 13.07 -5.31
N ASN A 149 7.03 12.88 -5.25
CA ASN A 149 6.40 11.85 -6.13
C ASN A 149 6.57 12.25 -7.56
N GLN A 150 6.52 13.56 -7.87
CA GLN A 150 6.77 13.97 -9.27
C GLN A 150 8.17 13.68 -9.72
N ASP A 151 9.16 13.95 -8.82
CA ASP A 151 10.56 13.74 -9.08
C ASP A 151 10.89 12.24 -9.28
N VAL A 152 10.35 11.35 -8.42
CA VAL A 152 10.62 9.92 -8.62
C VAL A 152 9.99 9.48 -9.94
N ASP A 153 8.75 9.88 -10.20
CA ASP A 153 8.09 9.52 -11.48
C ASP A 153 8.93 9.92 -12.68
N ALA A 154 9.46 11.13 -12.65
CA ALA A 154 10.31 11.64 -13.68
C ALA A 154 11.61 10.85 -13.81
N ALA A 155 12.19 10.41 -12.68
CA ALA A 155 13.46 9.62 -12.77
C ALA A 155 13.18 8.26 -13.47
N VAL A 156 12.02 7.64 -13.19
CA VAL A 156 11.72 6.26 -13.78
C VAL A 156 11.38 6.51 -15.25
N ARG A 157 10.62 7.56 -15.55
CA ARG A 157 10.33 7.89 -16.95
C ARG A 157 11.60 8.05 -17.70
N GLY A 158 12.56 8.77 -17.14
CA GLY A 158 13.85 8.93 -17.71
C GLY A 158 14.64 7.70 -17.96
N ILE A 159 14.63 6.79 -17.01
CA ILE A 159 15.33 5.53 -17.20
C ILE A 159 14.70 4.78 -18.36
N LEU A 160 13.39 4.77 -18.45
CA LEU A 160 12.74 3.91 -19.43
C LEU A 160 12.95 4.45 -20.85
N ARG A 161 13.30 5.71 -20.98
CA ARG A 161 13.55 6.26 -22.30
C ARG A 161 15.02 6.30 -22.61
N ASN A 162 15.87 5.81 -21.73
CA ASN A 162 17.27 5.81 -21.96
C ASN A 162 17.85 4.45 -22.44
N ALA A 163 18.48 4.47 -23.61
CA ALA A 163 18.90 3.24 -24.22
C ALA A 163 19.99 2.52 -23.50
N LYS A 164 20.80 3.24 -22.72
CA LYS A 164 21.79 2.60 -21.96
C LYS A 164 21.24 2.12 -20.61
N LEU A 165 20.31 2.82 -20.03
CA LEU A 165 19.78 2.37 -18.71
C LEU A 165 18.63 1.38 -18.78
N LYS A 166 17.76 1.52 -19.77
CA LYS A 166 16.60 0.63 -19.85
C LYS A 166 16.92 -0.84 -19.83
N PRO A 167 17.87 -1.31 -20.61
CA PRO A 167 18.07 -2.75 -20.55
C PRO A 167 18.61 -3.25 -19.19
N VAL A 168 19.46 -2.45 -18.55
CA VAL A 168 19.89 -2.83 -17.19
C VAL A 168 18.68 -2.88 -16.20
N TYR A 169 17.94 -1.77 -16.16
CA TYR A 169 16.78 -1.64 -15.33
C TYR A 169 15.85 -2.83 -15.52
N ASP A 170 15.50 -3.14 -16.77
CA ASP A 170 14.58 -4.27 -17.03
C ASP A 170 15.12 -5.59 -16.55
N SER A 171 16.45 -5.80 -16.58
CA SER A 171 17.06 -7.10 -16.11
C SER A 171 17.07 -7.20 -14.58
N LEU A 172 16.83 -6.10 -13.88
CA LEU A 172 17.04 -6.07 -12.39
C LEU A 172 15.72 -6.51 -11.68
N ASP A 173 15.86 -7.26 -10.59
CA ASP A 173 14.74 -7.49 -9.69
C ASP A 173 14.22 -6.25 -9.02
N ALA A 174 13.08 -6.36 -8.40
CA ALA A 174 12.37 -5.16 -7.90
C ALA A 174 13.21 -4.34 -6.91
N VAL A 175 13.96 -5.03 -6.04
CA VAL A 175 14.78 -4.29 -5.01
C VAL A 175 15.95 -3.59 -5.71
N ARG A 176 16.62 -4.30 -6.62
CA ARG A 176 17.79 -3.71 -7.26
C ARG A 176 17.33 -2.60 -8.23
N ARG A 177 16.13 -2.71 -8.78
CA ARG A 177 15.58 -1.57 -9.58
C ARG A 177 15.56 -0.30 -8.75
N CYS A 178 15.23 -0.41 -7.47
CA CYS A 178 15.13 0.76 -6.65
C CYS A 178 16.53 1.38 -6.44
N ALA A 179 17.54 0.57 -6.34
CA ALA A 179 18.94 1.08 -6.16
C ALA A 179 19.32 1.86 -7.45
N LEU A 180 18.88 1.43 -8.63
CA LEU A 180 19.27 2.12 -9.87
C LEU A 180 18.48 3.39 -9.94
N ILE A 181 17.21 3.39 -9.56
CA ILE A 181 16.43 4.64 -9.55
C ILE A 181 17.04 5.68 -8.56
N ASN A 182 17.50 5.15 -7.43
CA ASN A 182 18.08 5.98 -6.37
C ASN A 182 19.30 6.73 -6.99
N MET A 183 20.11 6.00 -7.74
CA MET A 183 21.32 6.65 -8.36
C MET A 183 20.90 7.68 -9.31
N VAL A 184 19.91 7.40 -10.14
CA VAL A 184 19.46 8.38 -11.11
C VAL A 184 18.85 9.59 -10.45
N PHE A 185 18.11 9.39 -9.36
CA PHE A 185 17.57 10.52 -8.63
C PHE A 185 18.69 11.43 -8.08
N GLN A 186 19.73 10.85 -7.56
CA GLN A 186 20.82 11.62 -6.97
C GLN A 186 21.63 12.38 -8.05
N MET A 187 22.02 11.70 -9.11
CA MET A 187 23.09 12.21 -9.96
C MET A 187 22.62 12.44 -11.39
N GLY A 188 21.40 12.05 -11.70
CA GLY A 188 20.84 12.28 -13.01
C GLY A 188 21.22 11.13 -13.97
N GLU A 189 20.42 11.03 -14.99
CA GLU A 189 20.53 9.99 -15.98
C GLU A 189 21.83 9.87 -16.79
N THR A 190 22.34 10.99 -17.30
CA THR A 190 23.64 11.00 -17.94
C THR A 190 24.77 10.53 -17.07
N GLY A 191 24.82 10.95 -15.80
CA GLY A 191 25.83 10.50 -14.93
C GLY A 191 25.80 9.00 -14.72
N VAL A 192 24.61 8.46 -14.43
CA VAL A 192 24.52 7.05 -14.17
C VAL A 192 24.81 6.30 -15.46
N ALA A 193 24.31 6.76 -16.59
CA ALA A 193 24.62 6.11 -17.88
C ALA A 193 26.12 6.01 -18.15
N GLY A 194 26.92 6.86 -17.54
CA GLY A 194 28.36 6.78 -17.65
C GLY A 194 29.08 5.64 -16.98
N PHE A 195 28.42 4.90 -16.09
CA PHE A 195 29.11 3.81 -15.40
C PHE A 195 29.04 2.57 -16.25
N THR A 196 29.72 2.61 -17.39
CA THR A 196 29.62 1.55 -18.37
C THR A 196 29.96 0.19 -17.80
N ASN A 197 31.06 0.09 -17.09
CA ASN A 197 31.45 -1.19 -16.57
C ASN A 197 30.49 -1.69 -15.48
N SER A 198 30.12 -0.79 -14.56
CA SER A 198 29.30 -1.28 -13.40
C SER A 198 27.95 -1.73 -13.99
N LEU A 199 27.42 -0.97 -14.93
CA LEU A 199 26.10 -1.31 -15.56
C LEU A 199 26.17 -2.65 -16.25
N ARG A 200 27.25 -2.87 -17.00
CA ARG A 200 27.49 -4.22 -17.55
C ARG A 200 27.48 -5.33 -16.53
N MET A 201 28.19 -5.19 -15.42
CA MET A 201 28.28 -6.25 -14.42
C MET A 201 26.85 -6.46 -13.81
N LEU A 202 26.11 -5.35 -13.59
CA LEU A 202 24.73 -5.52 -13.02
C LEU A 202 23.86 -6.31 -13.98
N GLN A 203 23.95 -5.96 -15.26
CA GLN A 203 23.10 -6.68 -16.26
C GLN A 203 23.44 -8.13 -16.31
N GLN A 204 24.73 -8.44 -16.11
CA GLN A 204 25.18 -9.82 -15.98
C GLN A 204 24.99 -10.52 -14.65
N LYS A 205 24.41 -9.82 -13.68
CA LYS A 205 24.21 -10.34 -12.34
C LYS A 205 25.52 -10.68 -11.59
N ARG A 206 26.57 -9.96 -11.95
CA ARG A 206 27.85 -10.16 -11.25
C ARG A 206 27.89 -9.18 -10.04
N TRP A 207 27.16 -9.53 -8.98
CA TRP A 207 26.76 -8.51 -7.97
C TRP A 207 28.02 -8.13 -7.17
N ASP A 208 28.82 -9.12 -6.77
CA ASP A 208 30.07 -8.80 -5.92
C ASP A 208 31.01 -7.96 -6.73
N GLU A 209 31.22 -8.33 -7.98
CA GLU A 209 32.04 -7.56 -8.91
C GLU A 209 31.50 -6.21 -9.16
N ALA A 210 30.16 -6.08 -9.34
CA ALA A 210 29.65 -4.71 -9.53
C ALA A 210 29.82 -3.84 -8.21
N ALA A 211 29.64 -4.48 -7.02
CA ALA A 211 29.75 -3.75 -5.75
C ALA A 211 31.18 -3.23 -5.58
N VAL A 212 32.13 -4.11 -5.91
CA VAL A 212 33.56 -3.72 -5.84
C VAL A 212 33.85 -2.59 -6.80
N ASN A 213 33.33 -2.63 -8.02
CA ASN A 213 33.60 -1.61 -8.95
C ASN A 213 32.91 -0.33 -8.66
N LEU A 214 31.68 -0.37 -8.17
CA LEU A 214 30.98 0.90 -7.93
C LEU A 214 31.70 1.61 -6.73
N ALA A 215 32.28 0.86 -5.79
CA ALA A 215 32.97 1.48 -4.62
C ALA A 215 34.25 2.24 -5.02
N LYS A 216 34.71 2.06 -6.27
CA LYS A 216 35.89 2.78 -6.81
C LYS A 216 35.48 4.05 -7.48
N SER A 217 34.21 4.37 -7.56
CA SER A 217 33.83 5.59 -8.35
C SER A 217 33.90 6.88 -7.63
N ARG A 218 33.72 7.97 -8.35
CA ARG A 218 33.77 9.25 -7.69
C ARG A 218 32.52 9.49 -6.81
N TRP A 219 31.38 9.01 -7.33
CA TRP A 219 30.16 8.94 -6.52
C TRP A 219 30.41 8.40 -5.13
N TYR A 220 31.07 7.26 -4.97
CA TYR A 220 31.29 6.68 -3.67
C TYR A 220 32.12 7.64 -2.86
N ASN A 221 33.17 8.20 -3.49
CA ASN A 221 34.05 9.08 -2.74
C ASN A 221 33.29 10.32 -2.20
N GLN A 222 32.39 10.90 -3.02
CA GLN A 222 31.66 12.09 -2.54
C GLN A 222 30.61 11.85 -1.45
N THR A 223 29.86 10.74 -1.55
CA THR A 223 28.81 10.40 -0.54
C THR A 223 28.96 8.94 -0.23
N PRO A 224 29.98 8.57 0.59
CA PRO A 224 30.30 7.18 0.81
C PRO A 224 29.29 6.49 1.64
N ASN A 225 28.61 7.22 2.56
CA ASN A 225 27.74 6.47 3.44
C ASN A 225 26.44 6.07 2.62
N ARG A 226 25.99 7.03 1.84
CA ARG A 226 24.81 6.75 0.97
C ARG A 226 25.18 5.70 -0.10
N ALA A 227 26.38 5.85 -0.72
CA ALA A 227 26.79 4.88 -1.72
C ALA A 227 26.95 3.50 -1.18
N LYS A 228 27.45 3.36 0.03
CA LYS A 228 27.58 2.07 0.64
C LYS A 228 26.15 1.42 0.82
N ARG A 229 25.14 2.19 1.22
CA ARG A 229 23.80 1.62 1.33
C ARG A 229 23.22 1.19 -0.05
N VAL A 230 23.41 2.05 -1.07
CA VAL A 230 22.85 1.69 -2.45
C VAL A 230 23.64 0.51 -2.92
N ILE A 231 24.98 0.50 -2.73
CA ILE A 231 25.76 -0.67 -3.04
C ILE A 231 25.38 -1.95 -2.38
N THR A 232 25.15 -1.94 -1.08
CA THR A 232 24.70 -3.14 -0.41
C THR A 232 23.42 -3.67 -1.06
N THR A 233 22.60 -2.72 -1.49
CA THR A 233 21.25 -3.08 -2.03
C THR A 233 21.54 -3.81 -3.39
N PHE A 234 22.43 -3.27 -4.22
CA PHE A 234 22.77 -3.99 -5.48
C PHE A 234 23.48 -5.29 -5.19
N ARG A 235 24.38 -5.32 -4.18
CA ARG A 235 25.12 -6.55 -3.89
C ARG A 235 24.19 -7.67 -3.47
N THR A 236 23.22 -7.36 -2.58
CA THR A 236 22.43 -8.40 -1.93
C THR A 236 21.04 -8.58 -2.53
N GLY A 237 20.48 -7.52 -3.15
CA GLY A 237 19.05 -7.58 -3.53
C GLY A 237 18.10 -7.53 -2.36
N THR A 238 18.58 -7.02 -1.20
CA THR A 238 17.74 -6.95 0.01
C THR A 238 17.77 -5.57 0.55
N TRP A 239 16.89 -5.30 1.52
CA TRP A 239 16.80 -4.04 2.20
C TRP A 239 17.64 -3.94 3.49
N ASP A 240 18.71 -4.71 3.55
CA ASP A 240 19.52 -4.79 4.79
C ASP A 240 20.18 -3.46 5.12
N ALA A 241 20.40 -2.56 4.14
CA ALA A 241 21.00 -1.26 4.43
C ALA A 241 20.01 -0.22 4.89
N TYR A 242 18.70 -0.53 4.77
CA TYR A 242 17.70 0.45 5.05
C TYR A 242 16.82 -0.08 6.19
N THR A 243 15.40 -0.17 6.24
CA THR A 243 14.54 -0.88 7.21
C THR A 243 14.63 -2.32 6.75
N LYS A 244 15.42 -3.15 7.45
CA LYS A 244 15.65 -4.52 7.07
C LYS A 244 14.36 -5.32 7.30
N ASP A 245 14.01 -6.29 6.43
CA ASP A 245 12.77 -7.09 6.55
C ASP A 245 12.89 -7.96 7.84
N LEU A 246 11.78 -8.17 8.50
CA LEU A 246 11.78 -9.08 9.70
C LEU A 246 11.14 -10.40 9.35
N LEU A 247 11.76 -11.55 9.77
CA LEU A 247 11.25 -12.86 9.41
C LEU A 247 10.74 -13.42 10.71
N LEU A 248 9.50 -13.84 10.74
CA LEU A 248 8.89 -14.44 11.87
C LEU A 248 8.34 -15.81 11.50
N PRO A 249 8.18 -16.65 12.50
CA PRO A 249 7.58 -17.95 12.31
C PRO A 249 6.09 -17.81 12.10
N ILE A 250 5.51 -18.72 11.37
CA ILE A 250 4.11 -18.80 11.17
C ILE A 250 3.36 -19.04 12.48
N LYS A 251 3.86 -19.90 13.34
CA LYS A 251 3.19 -20.19 14.59
C LYS A 251 3.64 -19.28 15.72
N THR A 252 2.72 -18.61 16.36
CA THR A 252 3.16 -17.77 17.53
C THR A 252 3.08 -18.62 18.80
N PRO A 253 4.16 -18.61 19.63
CA PRO A 253 4.15 -19.36 20.91
C PRO A 253 2.92 -19.03 21.73
N THR A 254 2.22 -20.05 22.30
CA THR A 254 1.03 -19.79 23.12
C THR A 254 1.39 -19.23 24.50
N THR A 255 2.66 -19.09 24.78
CA THR A 255 3.04 -18.34 25.96
C THR A 255 2.91 -16.81 25.77
N ASN A 256 2.76 -16.37 24.53
CA ASN A 256 2.68 -14.91 24.31
C ASN A 256 1.32 -14.48 24.84
N ALA A 257 1.28 -13.23 25.26
CA ALA A 257 0.07 -12.64 25.97
C ALA A 257 -1.07 -12.50 24.98
N VAL A 258 -2.28 -12.67 25.47
CA VAL A 258 -3.53 -12.33 24.71
C VAL A 258 -4.01 -10.98 25.15
N HIS A 259 -4.14 -10.03 24.27
CA HIS A 259 -4.61 -8.71 24.62
C HIS A 259 -6.10 -8.57 24.30
N LYS A 260 -6.80 -7.76 25.12
CA LYS A 260 -8.19 -7.37 24.83
C LYS A 260 -8.05 -6.11 23.98
N CYS A 261 -8.43 -6.19 22.69
CA CYS A 261 -8.27 -5.08 21.76
C CYS A 261 -9.59 -4.44 21.50
N ARG A 262 -9.58 -3.25 20.91
CA ARG A 262 -10.83 -2.64 20.52
C ARG A 262 -10.78 -2.29 19.04
N VAL A 263 -11.73 -2.79 18.25
CA VAL A 263 -11.79 -2.48 16.79
C VAL A 263 -13.16 -1.86 16.50
N HIS A 264 -13.12 -0.64 16.02
CA HIS A 264 -14.40 0.11 15.81
C HIS A 264 -15.32 0.08 17.05
N GLY A 265 -14.71 0.22 18.22
CA GLY A 265 -15.46 0.31 19.46
C GLY A 265 -15.84 -1.01 20.11
N LEU A 266 -15.64 -2.14 19.40
CA LEU A 266 -16.06 -3.46 19.97
C LEU A 266 -14.86 -4.29 20.35
N GLU A 267 -15.00 -5.10 21.41
CA GLU A 267 -13.85 -5.77 21.94
C GLU A 267 -13.57 -7.04 21.15
N ILE A 268 -12.29 -7.36 21.06
CA ILE A 268 -11.88 -8.61 20.37
C ILE A 268 -10.46 -8.94 20.89
N GLU A 269 -10.16 -10.22 21.11
CA GLU A 269 -8.85 -10.55 21.57
C GLU A 269 -7.84 -10.68 20.37
N GLY A 270 -6.59 -10.75 20.70
CA GLY A 270 -5.49 -11.08 19.70
C GLY A 270 -4.26 -11.51 20.51
N ARG A 271 -3.51 -12.46 19.96
CA ARG A 271 -2.35 -13.04 20.63
C ARG A 271 -1.18 -12.15 20.17
N ASP A 272 -0.46 -11.57 21.16
CA ASP A 272 0.71 -10.73 20.82
C ASP A 272 1.75 -11.49 19.98
N CYS A 273 2.27 -10.88 18.89
CA CYS A 273 3.15 -11.61 17.98
C CYS A 273 4.60 -11.47 18.41
N GLY A 274 4.84 -10.77 19.53
CA GLY A 274 6.22 -10.79 20.06
C GLY A 274 6.91 -9.47 20.00
N GLU A 275 8.01 -9.35 20.74
CA GLU A 275 8.63 -8.00 20.89
C GLU A 275 9.31 -7.57 19.56
N ALA A 276 9.90 -8.50 18.84
CA ALA A 276 10.55 -8.11 17.54
C ALA A 276 9.57 -7.43 16.59
N ALA A 277 8.38 -8.03 16.41
CA ALA A 277 7.31 -7.39 15.61
C ALA A 277 6.89 -6.00 16.14
N ALA A 278 6.64 -5.91 17.47
CA ALA A 278 6.32 -4.60 18.09
C ALA A 278 7.44 -3.54 17.82
N GLN A 279 8.70 -3.86 18.02
CA GLN A 279 9.77 -2.86 17.86
C GLN A 279 9.91 -2.48 16.40
N TRP A 280 9.73 -3.46 15.52
CA TRP A 280 9.88 -3.22 14.09
C TRP A 280 8.81 -2.29 13.56
N ILE A 281 7.56 -2.52 13.89
CA ILE A 281 6.47 -1.67 13.48
C ILE A 281 6.65 -0.21 14.10
N THR A 282 6.94 -0.22 15.38
CA THR A 282 7.08 1.10 16.08
C THR A 282 8.21 1.96 15.50
N SER A 283 9.31 1.32 15.22
N SER A 283 9.30 1.28 15.21
CA SER A 283 10.45 1.98 14.58
CA SER A 283 10.48 1.88 14.59
C SER A 283 10.07 2.53 13.23
C SER A 283 10.25 2.42 13.20
N PHE A 284 9.49 1.67 12.38
CA PHE A 284 9.17 2.12 11.05
C PHE A 284 8.17 3.29 11.02
N LEU A 285 7.17 3.26 11.93
CA LEU A 285 6.18 4.33 11.99
C LEU A 285 6.72 5.57 12.80
N LYS A 286 7.84 5.38 13.44
CA LYS A 286 8.38 6.37 14.41
C LYS A 286 7.24 6.82 15.33
N SER A 287 6.59 5.86 16.01
CA SER A 287 5.32 6.17 16.64
C SER A 287 5.49 5.90 18.14
N GLN A 288 4.41 6.07 18.85
CA GLN A 288 4.35 5.52 20.20
C GLN A 288 4.42 3.98 20.14
N PRO A 289 4.70 3.32 21.27
CA PRO A 289 4.84 1.84 21.27
C PRO A 289 3.58 1.12 20.78
N TYR A 290 3.72 0.41 19.65
CA TYR A 290 2.57 -0.41 19.15
C TYR A 290 2.97 -1.92 19.26
N ARG A 291 1.95 -2.74 19.23
CA ARG A 291 2.15 -4.17 19.16
C ARG A 291 1.40 -4.70 17.95
N LEU A 292 1.85 -5.89 17.53
CA LEU A 292 1.10 -6.62 16.43
C LEU A 292 0.42 -7.83 17.14
N VAL A 293 -0.86 -8.01 16.87
CA VAL A 293 -1.55 -9.20 17.41
C VAL A 293 -2.16 -10.01 16.28
N HIS A 294 -2.48 -11.25 16.59
CA HIS A 294 -3.09 -12.19 15.61
C HIS A 294 -4.30 -12.91 16.21
N PHE A 295 -5.37 -12.96 15.42
CA PHE A 295 -6.63 -13.56 15.88
C PHE A 295 -6.47 -15.09 15.75
N GLU A 296 -6.86 -15.85 16.77
CA GLU A 296 -6.80 -17.33 16.66
C GLU A 296 -8.28 -17.79 16.73
N PRO A 297 -8.58 -18.95 16.15
CA PRO A 297 -9.96 -19.29 15.79
C PRO A 297 -10.82 -19.69 17.00
N HIS A 298 -10.17 -19.90 18.10
CA HIS A 298 -10.92 -20.19 19.37
C HIS A 298 -11.33 -18.92 20.05
N MET A 299 -10.80 -17.78 19.64
CA MET A 299 -11.23 -16.46 20.22
C MET A 299 -12.64 -16.07 19.73
N ARG A 300 -13.35 -15.26 20.51
CA ARG A 300 -14.70 -14.84 20.08
C ARG A 300 -14.58 -13.80 18.94
N PRO A 301 -15.18 -14.09 17.74
CA PRO A 301 -15.06 -13.10 16.69
C PRO A 301 -15.97 -11.89 16.90
N ARG A 302 -15.72 -10.81 16.15
CA ARG A 302 -16.68 -9.73 16.08
C ARG A 302 -17.88 -10.12 15.23
N ARG A 303 -19.02 -9.43 15.46
CA ARG A 303 -20.27 -9.85 14.85
C ARG A 303 -20.77 -8.71 13.99
N PRO A 304 -20.71 -8.85 12.71
CA PRO A 304 -21.21 -7.83 11.79
C PRO A 304 -22.70 -7.50 12.15
N HIS A 305 -23.52 -8.39 12.60
CA HIS A 305 -24.95 -7.98 12.83
C HIS A 305 -25.02 -6.91 13.93
N GLN A 306 -24.04 -6.92 14.87
CA GLN A 306 -23.96 -5.81 15.84
C GLN A 306 -23.57 -4.45 15.27
N ILE A 307 -22.90 -4.44 14.13
CA ILE A 307 -22.44 -3.26 13.42
C ILE A 307 -23.51 -2.80 12.47
N ALA A 308 -24.18 -3.73 11.74
CA ALA A 308 -25.23 -3.35 10.77
C ALA A 308 -26.20 -4.48 10.75
N ASP A 309 -27.45 -4.23 11.11
CA ASP A 309 -28.41 -5.33 11.31
C ASP A 309 -28.88 -6.04 10.03
N LEU A 310 -28.43 -5.53 8.88
CA LEU A 310 -28.65 -6.27 7.61
C LEU A 310 -27.85 -7.56 7.54
N PHE A 311 -26.72 -7.63 8.26
CA PHE A 311 -25.93 -8.87 8.35
C PHE A 311 -26.64 -9.91 9.17
N ARG A 312 -26.32 -11.20 8.99
CA ARG A 312 -27.05 -12.24 9.74
C ARG A 312 -26.44 -12.32 11.12
N PRO A 313 -27.21 -12.60 12.12
CA PRO A 313 -26.71 -12.96 13.44
C PRO A 313 -25.58 -13.95 13.44
N LYS A 314 -25.57 -14.98 12.62
CA LYS A 314 -24.39 -15.86 12.63
C LYS A 314 -23.10 -15.41 11.97
N ASP A 315 -23.10 -14.26 11.29
CA ASP A 315 -21.86 -13.78 10.61
C ASP A 315 -20.78 -13.43 11.66
N GLN A 316 -19.52 -13.68 11.27
CA GLN A 316 -18.39 -13.43 12.11
C GLN A 316 -17.23 -12.84 11.27
N ILE A 317 -16.43 -11.96 11.89
CA ILE A 317 -15.23 -11.41 11.28
C ILE A 317 -14.17 -11.33 12.37
N ALA A 318 -12.90 -11.07 11.98
CA ALA A 318 -11.80 -10.89 12.93
C ALA A 318 -11.62 -9.38 13.00
N TYR A 319 -10.70 -8.81 12.24
CA TYR A 319 -10.48 -7.37 12.39
C TYR A 319 -10.97 -6.51 11.25
N SER A 320 -11.76 -7.04 10.29
N SER A 320 -11.74 -7.04 10.28
CA SER A 320 -12.17 -6.19 9.19
CA SER A 320 -12.09 -6.19 9.17
C SER A 320 -13.17 -5.14 9.71
C SER A 320 -13.14 -5.17 9.67
N ASP A 321 -13.44 -4.13 8.91
N ASP A 321 -13.41 -4.15 8.88
CA ASP A 321 -14.39 -3.05 9.34
CA ASP A 321 -14.35 -3.08 9.34
C ASP A 321 -15.76 -3.56 9.67
C ASP A 321 -15.76 -3.56 9.67
N THR A 322 -16.39 -4.30 8.73
CA THR A 322 -17.78 -4.67 8.87
C THR A 322 -18.09 -6.04 8.34
N SER A 323 -17.45 -6.36 7.21
CA SER A 323 -17.95 -7.51 6.39
C SER A 323 -16.86 -8.57 6.19
N PRO A 324 -17.28 -9.82 6.03
CA PRO A 324 -16.23 -10.83 5.66
C PRO A 324 -15.64 -10.56 4.25
N PHE A 325 -16.47 -10.03 3.30
CA PHE A 325 -16.01 -9.77 1.91
C PHE A 325 -16.38 -8.41 1.37
N LEU A 326 -15.46 -7.80 0.64
CA LEU A 326 -15.87 -6.63 -0.23
C LEU A 326 -15.57 -7.03 -1.70
N ILE A 327 -16.56 -6.83 -2.56
CA ILE A 327 -16.45 -7.10 -4.00
C ILE A 327 -16.59 -5.79 -4.78
N LEU A 328 -15.73 -5.58 -5.80
CA LEU A 328 -15.75 -4.40 -6.62
C LEU A 328 -15.60 -4.83 -8.09
N SER A 329 -16.21 -4.11 -9.07
N SER A 329 -16.05 -3.97 -9.02
CA SER A 329 -15.91 -4.43 -10.50
CA SER A 329 -15.89 -4.18 -10.46
C SER A 329 -14.89 -3.50 -11.15
C SER A 329 -14.76 -3.42 -11.13
N GLU A 330 -14.13 -4.06 -12.09
CA GLU A 330 -13.17 -3.31 -12.91
C GLU A 330 -13.90 -2.21 -13.63
N ALA A 331 -15.10 -2.52 -14.14
CA ALA A 331 -15.98 -1.50 -14.75
C ALA A 331 -16.20 -0.29 -13.81
N SER A 332 -16.53 -0.51 -12.54
CA SER A 332 -16.76 0.61 -11.59
C SER A 332 -15.52 1.47 -11.36
N LEU A 333 -14.38 0.80 -11.22
CA LEU A 333 -13.09 1.47 -11.11
C LEU A 333 -12.66 2.27 -12.39
N ALA A 334 -12.79 1.66 -13.59
CA ALA A 334 -12.51 2.41 -14.87
C ALA A 334 -13.43 3.63 -15.00
N ASP A 335 -14.64 3.51 -14.46
CA ASP A 335 -15.56 4.65 -14.46
C ASP A 335 -15.08 5.83 -13.64
N LEU A 336 -14.81 5.57 -12.35
CA LEU A 336 -14.24 6.59 -11.48
C LEU A 336 -12.98 7.15 -12.13
N ASN A 337 -12.10 6.28 -12.67
CA ASN A 337 -10.90 6.79 -13.32
C ASN A 337 -11.06 7.74 -14.53
N SER A 338 -12.20 7.65 -15.22
CA SER A 338 -12.56 8.55 -16.35
C SER A 338 -13.08 9.92 -15.86
N ARG A 339 -13.07 10.10 -14.55
CA ARG A 339 -13.50 11.31 -13.90
C ARG A 339 -12.40 11.90 -13.02
N LEU A 340 -11.19 11.33 -13.07
CA LEU A 340 -10.15 11.74 -12.14
C LEU A 340 -8.92 12.18 -12.86
N GLU A 341 -8.27 13.20 -12.29
CA GLU A 341 -6.98 13.68 -12.83
C GLU A 341 -5.86 12.69 -12.52
N LYS A 342 -5.68 12.39 -11.24
CA LYS A 342 -4.74 11.34 -10.82
C LYS A 342 -5.47 9.98 -10.74
N LYS A 343 -5.04 9.01 -11.54
CA LYS A 343 -5.71 7.69 -11.64
C LYS A 343 -5.47 6.89 -10.32
N VAL A 344 -6.46 6.10 -9.91
CA VAL A 344 -6.36 5.23 -8.69
C VAL A 344 -6.44 3.75 -9.07
N LYS A 345 -5.98 2.86 -8.20
CA LYS A 345 -6.08 1.44 -8.52
C LYS A 345 -7.07 0.77 -7.60
N ALA A 346 -7.42 -0.49 -7.87
CA ALA A 346 -8.39 -1.12 -7.02
C ALA A 346 -7.91 -1.07 -5.53
N THR A 347 -6.59 -1.07 -5.35
CA THR A 347 -5.86 -1.12 -4.03
C THR A 347 -6.35 0.04 -3.10
N ASN A 348 -6.65 1.22 -3.65
CA ASN A 348 -7.20 2.30 -2.83
C ASN A 348 -8.49 1.93 -2.08
N PHE A 349 -9.33 1.03 -2.58
CA PHE A 349 -10.61 0.71 -2.02
C PHE A 349 -10.66 -0.63 -1.23
N ARG A 350 -9.53 -1.32 -1.29
CA ARG A 350 -9.30 -2.51 -0.43
C ARG A 350 -10.32 -3.61 -0.60
N PRO A 351 -10.62 -3.97 -1.86
CA PRO A 351 -11.56 -5.06 -2.07
C PRO A 351 -10.88 -6.41 -2.01
N ASN A 352 -11.66 -7.44 -1.68
CA ASN A 352 -11.11 -8.74 -1.74
C ASN A 352 -11.27 -9.39 -3.12
N ILE A 353 -12.38 -9.07 -3.80
CA ILE A 353 -12.63 -9.83 -5.11
C ILE A 353 -12.96 -8.73 -6.11
N VAL A 354 -12.25 -8.73 -7.21
CA VAL A 354 -12.43 -7.65 -8.22
C VAL A 354 -12.92 -8.46 -9.45
N ILE A 355 -14.02 -8.05 -10.03
CA ILE A 355 -14.64 -8.86 -11.08
C ILE A 355 -14.58 -8.02 -12.37
N SER A 356 -14.14 -8.66 -13.47
CA SER A 356 -14.11 -8.02 -14.81
C SER A 356 -15.27 -8.47 -15.68
N GLY A 357 -15.33 -7.85 -16.87
CA GLY A 357 -16.23 -8.32 -17.96
C GLY A 357 -17.66 -7.93 -17.70
N CYS A 358 -17.88 -6.78 -17.08
CA CYS A 358 -19.25 -6.39 -16.79
C CYS A 358 -19.46 -4.92 -17.04
N ASP A 359 -20.74 -4.50 -17.04
CA ASP A 359 -21.15 -3.10 -17.17
C ASP A 359 -20.79 -2.37 -15.86
N VAL A 360 -20.63 -1.03 -15.93
CA VAL A 360 -20.30 -0.19 -14.74
C VAL A 360 -21.26 -0.42 -13.57
N TYR A 361 -20.69 -0.57 -12.36
CA TYR A 361 -21.48 -0.80 -11.13
C TYR A 361 -22.40 -2.03 -11.18
N ALA A 362 -22.18 -2.95 -12.12
CA ALA A 362 -23.08 -4.12 -12.19
C ALA A 362 -23.20 -4.84 -10.81
N GLU A 363 -22.14 -4.76 -9.96
CA GLU A 363 -22.13 -5.43 -8.67
C GLU A 363 -23.18 -4.98 -7.72
N ASP A 364 -23.62 -3.72 -7.82
CA ASP A 364 -24.68 -3.24 -6.93
C ASP A 364 -25.98 -4.04 -7.13
N SER A 365 -26.19 -4.55 -8.35
N SER A 365 -26.12 -4.65 -8.30
CA SER A 365 -27.37 -5.36 -8.67
CA SER A 365 -27.34 -5.41 -8.59
C SER A 365 -27.22 -6.91 -8.55
C SER A 365 -27.22 -6.92 -8.55
N TRP A 366 -26.11 -7.41 -8.02
CA TRP A 366 -25.85 -8.85 -7.92
C TRP A 366 -26.19 -9.42 -6.58
N ASP A 367 -27.37 -9.99 -6.42
CA ASP A 367 -27.78 -10.39 -5.08
C ASP A 367 -27.24 -11.69 -4.56
N GLU A 368 -27.09 -12.62 -5.49
CA GLU A 368 -26.53 -13.93 -5.18
C GLU A 368 -25.59 -14.40 -6.29
N LEU A 369 -24.33 -14.71 -5.92
CA LEU A 369 -23.25 -15.03 -6.91
C LEU A 369 -22.80 -16.47 -6.66
N LEU A 370 -22.53 -17.23 -7.76
CA LEU A 370 -21.87 -18.52 -7.65
C LEU A 370 -20.52 -18.35 -8.38
N ILE A 371 -19.45 -18.75 -7.70
CA ILE A 371 -18.09 -18.60 -8.24
C ILE A 371 -17.41 -19.87 -7.93
N GLY A 372 -17.09 -20.68 -8.93
CA GLY A 372 -16.63 -22.05 -8.58
C GLY A 372 -17.78 -22.82 -7.89
N ASP A 373 -17.52 -23.43 -6.73
CA ASP A 373 -18.56 -23.96 -5.87
C ASP A 373 -18.96 -23.01 -4.72
N VAL A 374 -18.40 -21.80 -4.70
CA VAL A 374 -18.68 -20.80 -3.64
C VAL A 374 -19.93 -20.03 -3.97
N GLU A 375 -20.84 -19.91 -2.99
CA GLU A 375 -21.97 -18.98 -3.16
C GLU A 375 -21.83 -17.81 -2.18
N LEU A 376 -22.07 -16.62 -2.69
CA LEU A 376 -21.92 -15.45 -1.89
C LEU A 376 -23.22 -14.69 -1.97
N LYS A 377 -23.60 -14.00 -0.87
CA LYS A 377 -24.88 -13.27 -0.83
C LYS A 377 -24.57 -11.84 -0.51
N ARG A 378 -25.15 -10.90 -1.28
CA ARG A 378 -24.94 -9.48 -1.13
C ARG A 378 -25.68 -9.01 0.12
N VAL A 379 -25.05 -8.11 0.87
CA VAL A 379 -25.70 -7.58 2.09
C VAL A 379 -25.97 -6.10 1.87
N MET A 380 -24.96 -5.31 1.57
CA MET A 380 -25.19 -3.85 1.37
C MET A 380 -23.97 -3.19 0.70
N ALA A 381 -24.09 -1.92 0.31
CA ALA A 381 -22.96 -1.22 -0.35
C ALA A 381 -21.90 -0.85 0.66
N CYS A 382 -20.67 -0.71 0.16
CA CYS A 382 -19.56 -0.23 0.98
C CYS A 382 -19.53 1.28 0.83
N SER A 383 -19.59 1.97 1.96
CA SER A 383 -19.64 3.42 1.97
C SER A 383 -18.23 3.91 2.34
N ARG A 384 -17.76 4.84 1.54
CA ARG A 384 -16.32 5.19 1.55
C ARG A 384 -15.95 6.35 2.47
N CYS A 385 -14.67 6.31 2.88
N CYS A 385 -14.74 6.31 3.00
CA CYS A 385 -14.07 7.18 3.89
CA CYS A 385 -14.20 7.49 3.73
C CYS A 385 -12.69 7.68 3.38
C CYS A 385 -12.72 7.74 3.35
N ILE A 386 -12.00 8.51 4.19
CA ILE A 386 -10.64 9.01 3.84
C ILE A 386 -9.59 7.92 3.57
N LEU A 387 -9.82 6.65 3.96
CA LEU A 387 -8.74 5.65 3.71
C LEU A 387 -8.48 5.48 2.18
N THR A 388 -9.49 5.78 1.37
CA THR A 388 -9.35 5.73 -0.07
C THR A 388 -8.38 6.79 -0.60
N THR A 389 -8.03 7.78 0.21
CA THR A 389 -7.13 8.83 -0.24
C THR A 389 -5.68 8.60 0.14
N VAL A 390 -5.39 7.48 0.80
CA VAL A 390 -3.99 7.22 1.15
C VAL A 390 -3.35 6.59 -0.06
N ASP A 391 -2.27 7.14 -0.54
CA ASP A 391 -1.70 6.63 -1.77
C ASP A 391 -1.00 5.34 -1.36
N PRO A 392 -1.29 4.21 -2.01
CA PRO A 392 -0.66 2.94 -1.62
C PRO A 392 0.82 2.88 -1.80
N ASP A 393 1.40 3.66 -2.73
CA ASP A 393 2.87 3.65 -2.94
C ASP A 393 3.61 4.59 -2.02
N THR A 394 3.03 5.75 -1.75
CA THR A 394 3.80 6.72 -0.98
C THR A 394 3.43 6.78 0.49
N GLY A 395 2.24 6.28 0.85
CA GLY A 395 1.89 6.32 2.29
C GLY A 395 1.38 7.68 2.70
N VAL A 396 1.06 8.52 1.70
CA VAL A 396 0.67 9.89 2.05
C VAL A 396 -0.81 10.05 1.82
N MET A 397 -1.47 10.59 2.83
CA MET A 397 -2.90 10.78 2.71
C MET A 397 -3.19 12.11 2.00
N SER A 398 -3.90 12.05 0.88
CA SER A 398 -4.21 13.27 0.12
C SER A 398 -5.41 14.04 0.67
N ARG A 399 -5.59 15.24 0.14
CA ARG A 399 -6.79 16.02 0.37
C ARG A 399 -7.99 15.58 -0.46
N LYS A 400 -8.43 14.36 -0.17
CA LYS A 400 -9.71 13.82 -0.60
C LYS A 400 -10.03 13.56 -2.07
N GLU A 401 -9.09 13.45 -2.95
CA GLU A 401 -9.39 12.60 -4.07
C GLU A 401 -8.69 11.32 -3.69
N PRO A 402 -9.40 10.21 -4.04
CA PRO A 402 -10.55 10.38 -4.95
C PRO A 402 -11.89 10.48 -4.25
N LEU A 403 -11.89 10.74 -2.96
CA LEU A 403 -13.14 10.78 -2.23
C LEU A 403 -14.10 11.87 -2.73
N GLU A 404 -13.56 13.04 -3.03
CA GLU A 404 -14.42 14.16 -3.41
C GLU A 404 -15.17 13.80 -4.69
N THR A 405 -14.47 13.21 -5.65
CA THR A 405 -15.11 12.86 -6.89
C THR A 405 -16.18 11.82 -6.65
N LEU A 406 -15.91 10.86 -5.77
CA LEU A 406 -16.91 9.88 -5.45
C LEU A 406 -18.09 10.61 -4.90
N LYS A 407 -17.82 11.56 -4.01
CA LYS A 407 -18.86 12.28 -3.31
C LYS A 407 -19.81 12.99 -4.25
N SER A 408 -19.25 13.48 -5.36
CA SER A 408 -19.94 14.29 -6.35
C SER A 408 -21.03 13.47 -7.03
N TYR A 409 -20.76 12.20 -7.35
CA TYR A 409 -21.70 11.36 -8.13
C TYR A 409 -22.11 9.98 -7.61
N ARG A 410 -21.71 9.56 -6.41
CA ARG A 410 -22.00 8.18 -5.98
C ARG A 410 -22.71 8.12 -4.64
N GLN A 411 -23.32 9.25 -4.24
CA GLN A 411 -24.13 9.27 -3.03
C GLN A 411 -25.29 8.23 -3.05
N CYS A 412 -25.70 7.75 -1.88
CA CYS A 412 -26.87 6.86 -1.83
C CYS A 412 -28.19 7.64 -2.02
N ASP A 413 -29.15 6.99 -2.68
CA ASP A 413 -30.50 7.52 -2.92
C ASP A 413 -31.29 7.83 -1.65
N PRO A 414 -31.80 9.08 -1.51
CA PRO A 414 -32.59 9.58 -0.37
C PRO A 414 -33.51 8.52 0.27
N SER A 415 -34.21 7.73 -0.55
CA SER A 415 -35.01 6.61 -0.05
C SER A 415 -34.23 5.58 0.84
N GLU A 416 -32.90 5.68 0.87
CA GLU A 416 -31.97 4.73 1.51
C GLU A 416 -31.00 5.37 2.53
N ARG A 417 -31.16 6.67 2.79
CA ARG A 417 -30.16 7.48 3.53
C ARG A 417 -29.87 7.17 5.00
N LYS A 418 -30.45 6.08 5.53
CA LYS A 418 -30.29 5.81 6.97
C LYS A 418 -29.12 4.87 7.30
N LEU A 419 -28.62 4.17 6.30
CA LEU A 419 -27.50 3.26 6.50
C LEU A 419 -26.28 4.09 6.20
N TYR A 420 -26.26 4.57 4.95
CA TYR A 420 -25.13 5.23 4.34
C TYR A 420 -24.95 6.72 4.71
N GLY A 421 -26.06 7.40 5.01
CA GLY A 421 -26.07 8.86 5.23
C GLY A 421 -25.60 9.54 3.97
N LYS A 422 -24.64 10.41 4.10
CA LYS A 422 -23.95 10.87 2.92
C LYS A 422 -22.58 10.23 3.07
N SER A 423 -22.16 9.33 2.18
CA SER A 423 -20.85 8.70 2.06
C SER A 423 -21.09 7.95 0.76
N PRO A 424 -20.29 8.16 -0.24
CA PRO A 424 -20.47 7.64 -1.56
C PRO A 424 -20.27 6.11 -1.60
N LEU A 425 -20.96 5.44 -2.54
CA LEU A 425 -20.96 3.95 -2.61
C LEU A 425 -20.03 3.51 -3.71
N PHE A 426 -19.14 2.57 -3.38
CA PHE A 426 -18.17 2.05 -4.32
C PHE A 426 -17.77 0.66 -3.73
N GLY A 427 -18.34 -0.39 -4.31
CA GLY A 427 -18.17 -1.72 -3.77
C GLY A 427 -19.31 -2.18 -2.89
N GLN A 428 -19.43 -3.49 -2.79
CA GLN A 428 -20.52 -4.15 -2.14
C GLN A 428 -19.99 -5.19 -1.16
N TYR A 429 -20.63 -5.24 0.00
CA TYR A 429 -20.34 -6.25 0.98
C TYR A 429 -21.12 -7.53 0.76
N PHE A 430 -20.39 -8.64 0.86
CA PHE A 430 -21.00 -9.92 0.73
C PHE A 430 -20.72 -10.84 1.88
N VAL A 431 -21.58 -11.84 2.08
CA VAL A 431 -21.27 -12.87 3.02
C VAL A 431 -21.25 -14.21 2.34
N LEU A 432 -20.80 -15.22 3.03
CA LEU A 432 -20.70 -16.54 2.46
C LEU A 432 -21.98 -17.36 2.64
N GLU A 433 -22.42 -18.05 1.57
CA GLU A 433 -23.49 -19.02 1.71
C GLU A 433 -23.04 -20.48 1.57
N ASN A 434 -21.88 -20.71 0.97
CA ASN A 434 -21.31 -21.99 0.82
C ASN A 434 -19.78 -21.83 0.64
N PRO A 435 -18.97 -22.49 1.44
CA PRO A 435 -17.48 -22.43 1.44
C PRO A 435 -16.92 -23.16 0.19
N GLY A 436 -15.66 -22.84 -0.15
CA GLY A 436 -15.01 -23.43 -1.28
C GLY A 436 -13.86 -22.57 -1.70
N THR A 437 -13.30 -22.88 -2.87
CA THR A 437 -12.14 -22.13 -3.35
C THR A 437 -12.57 -21.34 -4.55
N ILE A 438 -12.05 -20.16 -4.67
CA ILE A 438 -12.24 -19.31 -5.85
C ILE A 438 -10.89 -19.00 -6.51
N LYS A 439 -10.91 -18.82 -7.84
CA LYS A 439 -9.61 -18.59 -8.52
C LYS A 439 -9.81 -17.44 -9.50
N VAL A 440 -8.76 -16.72 -9.73
CA VAL A 440 -8.73 -15.72 -10.78
C VAL A 440 -8.95 -16.53 -12.11
N GLY A 441 -9.81 -15.96 -12.94
CA GLY A 441 -10.23 -16.69 -14.20
C GLY A 441 -11.56 -17.40 -13.98
N ASP A 442 -12.07 -17.50 -12.71
CA ASP A 442 -13.34 -18.19 -12.53
C ASP A 442 -14.48 -17.37 -13.10
N PRO A 443 -15.35 -18.00 -13.92
CA PRO A 443 -16.55 -17.25 -14.26
C PRO A 443 -17.41 -16.99 -13.06
N VAL A 444 -18.09 -15.88 -13.08
CA VAL A 444 -19.00 -15.53 -11.98
C VAL A 444 -20.45 -15.56 -12.53
N TYR A 445 -21.28 -16.34 -11.87
CA TYR A 445 -22.65 -16.57 -12.31
C TYR A 445 -23.66 -15.89 -11.36
N LEU A 446 -24.64 -15.22 -11.93
CA LEU A 446 -25.65 -14.57 -11.09
C LEU A 446 -26.73 -15.58 -10.88
N LEU A 447 -27.06 -15.88 -9.64
CA LEU A 447 -28.10 -16.87 -9.37
C LEU A 447 -29.51 -16.28 -9.25
N GLY A 448 -30.54 -17.12 -9.42
CA GLY A 448 -31.96 -16.71 -9.26
C GLY A 448 -32.44 -15.62 -10.21
N1 MTE B . -13.20 -5.62 3.05
C2 MTE B . -13.81 -6.49 3.90
N2 MTE B . -13.60 -7.86 3.77
N3 MTE B . -14.63 -6.07 4.94
C4 MTE B . -14.84 -4.73 5.12
O4 MTE B . -15.60 -4.38 6.06
N5 MTE B . -14.41 -2.34 4.42
C6 MTE B . -13.85 -1.49 3.37
C7 MTE B . -12.53 -2.02 2.73
N8 MTE B . -12.72 -3.45 2.34
C9 MTE B . -14.21 -3.74 4.28
C10 MTE B . -13.35 -4.26 3.23
C1' MTE B . -13.57 -0.07 3.83
S1' MTE B . -14.91 1.00 3.80
C2' MTE B . -12.34 0.28 4.09
S2' MTE B . -11.86 1.86 4.57
C3' MTE B . -11.15 -0.67 4.07
O3' MTE B . -11.47 -2.02 3.75
C4' MTE B . -10.54 -0.76 5.45
O4' MTE B . -9.42 -1.73 5.35
P MTE B . -8.69 -2.26 6.72
O1P MTE B . -9.82 -2.83 7.53
O2P MTE B . -7.69 -3.27 6.20
O3P MTE B . -8.18 -0.98 7.34
MO EFK C . -13.55 3.21 3.99
OT1 EFK C . -13.32 3.76 2.40
OT2 EFK C . -15.00 3.30 4.93
C1 B3P D . 19.75 16.38 -8.23
C2 B3P D . 20.52 16.77 -6.96
C3 B3P D . 18.27 16.04 -7.95
N1 B3P D . 17.44 16.00 -9.19
C4 B3P D . 15.99 15.74 -9.08
C5 B3P D . 15.44 15.99 -10.49
C6 B3P D . 15.62 14.33 -8.65
C7 B3P D . 15.30 16.53 -7.99
N2 B3P D . 20.60 15.68 -5.96
C8 B3P D . 21.51 15.86 -4.80
C9 B3P D . 21.47 17.30 -4.23
C10 B3P D . 22.91 15.50 -5.35
C11 B3P D . 21.18 14.88 -3.63
O1 B3P D . 20.10 17.67 -3.86
O2 B3P D . 23.87 15.72 -4.30
O3 B3P D . 20.85 13.61 -4.28
O4 B3P D . 14.05 15.61 -10.66
O5 B3P D . 16.39 13.53 -9.53
O6 B3P D . 15.57 17.92 -8.17
MO MOO E . 13.85 22.89 8.17
O1 MOO E . 15.25 23.22 6.94
O2 MOO E . 12.78 21.43 7.61
O3 MOO E . 12.37 24.02 8.33
O4 MOO E . 14.52 21.98 9.68
MO MOO F . 32.88 2.44 -14.49
O1 MOO F . 34.31 1.32 -14.03
O2 MOO F . 32.92 2.07 -16.33
O3 MOO F . 32.42 4.15 -14.70
O4 MOO F . 31.29 1.51 -14.03
MO MOO G . 20.13 -13.81 -8.49
O1 MOO G . 20.64 -13.41 -6.72
O2 MOO G . 21.65 -14.28 -9.48
O3 MOO G . 18.92 -12.51 -9.12
O4 MOO G . 19.31 -15.41 -7.87
MO MOO H . 26.36 11.00 2.81
O1 MOO H . 27.67 12.31 2.49
O2 MOO H . 27.21 9.58 2.05
O3 MOO H . 24.86 11.61 1.77
O4 MOO H . 26.16 10.69 4.65
P PO4 I . -29.05 -16.77 11.38
O1 PO4 I . -30.39 -16.10 11.60
O2 PO4 I . -29.07 -17.28 9.92
O3 PO4 I . -28.77 -17.80 12.48
O4 PO4 I . -27.95 -15.76 11.49
#